data_5ANR
#
_entry.id   5ANR
#
_cell.length_a   93.129
_cell.length_b   93.129
_cell.length_c   175.329
_cell.angle_alpha   90.00
_cell.angle_beta   90.00
_cell.angle_gamma   120.00
#
_symmetry.space_group_name_H-M   'P 32 2 1'
#
loop_
_entity.id
_entity.type
_entity.pdbx_description
1 polymer 'CCR4-NOT TRANSCRIPTION COMPLEX SUBUNIT 1'
2 polymer 'PROBABLE ATP-DEPENDENT RNA HELICASE DDX6'
3 polymer 'EUKARYOTIC TRANSLATION INITIATION FACTOR 4E TRANSPORTER'
4 water water
#
loop_
_entity_poly.entity_id
_entity_poly.type
_entity_poly.pdbx_seq_one_letter_code
_entity_poly.pdbx_strand_id
1 'polypeptide(L)'
;QGPDSMKKDVPPSINTTNIDTLLVATDQTERIVEPPENIQEKIAFIFNNLSQSNMTQKVEELKETVKEEFMPWVSQYLVM
KRVSIEPNFHSLYSNFLDTLKNPEFNKMVLNETYRNIKVLLTSDKAAANFSDRSLLKNLGHWLGMITLAKNKPILHTDLD
VKSLLLEAYVKGQQELLYVVPFVAKVLESSIRSVVFRPPNPWTMAIMNVLAELHQEHDLKLNLKFEIEVLCKNLALDINE
LKPGNLLKDKDRLKNLDE
;
A
2 'polypeptide(L)'
;RSMGNEFEDYCLKRELLMGIFEMGWEKPSPIQEESIPIALSGRDILARAKNGTGKSGAYLIPLLERLDLKKDNIQAMVIV
PTRELALQVSQICIQVSKHMGGAKVMATTGGTNLRDDIMRLDDTVHVVIATPGRILDLIKKGVAKVDHVQMIVLDEADKL
LSQDFVQIMEDIILTLPKNRQILLYSATFPLSVQKFMNSHLQKPYEINLMEELTLKGVTQYYAYVTERQKVHCLNTLFSR
LQINQSIIFCNSSQRVELLAKKISQLGYSCFYIHAKMRQEHRNRVFHDFRNGLCRNLVCTDLFTRGIDIQAVNVVINFDF
PKLAETYLHRIGRSGRFGHLGLAINLITYDDRFNLKSIEEQLGTEIKPIPSNIDKSLY
;
B
3 'polypeptide(L)' RSMGDSKRVFGERRRNDSYTEEEPEWFSAGPTSQSETIELTGFD C
#
# COMPACT_ATOMS: atom_id res chain seq x y z
N ILE A 14 -0.53 6.06 16.10
CA ILE A 14 0.23 6.98 15.26
C ILE A 14 1.29 6.24 14.44
N ASN A 15 1.87 5.20 15.03
CA ASN A 15 2.88 4.39 14.35
C ASN A 15 2.29 3.08 13.86
N THR A 16 2.33 2.86 12.55
CA THR A 16 1.70 1.69 11.94
C THR A 16 2.53 0.41 12.10
N THR A 17 3.79 0.56 12.50
CA THR A 17 4.73 -0.55 12.53
C THR A 17 5.40 -0.79 13.89
N ASN A 18 4.85 -0.18 14.93
CA ASN A 18 5.31 -0.42 16.28
C ASN A 18 5.21 -1.90 16.67
N ILE A 19 6.34 -2.52 17.02
CA ILE A 19 6.35 -3.93 17.46
C ILE A 19 6.75 -4.09 18.91
N ASP A 20 6.55 -3.06 19.73
CA ASP A 20 6.92 -3.09 21.14
C ASP A 20 6.23 -4.22 21.92
N THR A 21 4.95 -4.49 21.60
CA THR A 21 4.25 -5.62 22.22
C THR A 21 5.03 -6.92 22.04
N LEU A 22 5.58 -7.13 20.85
CA LEU A 22 6.37 -8.34 20.60
C LEU A 22 7.76 -8.26 21.24
N LEU A 23 8.37 -7.08 21.20
CA LEU A 23 9.70 -6.91 21.80
C LEU A 23 9.67 -7.16 23.31
N VAL A 24 8.69 -6.59 24.02
CA VAL A 24 8.64 -6.74 25.47
C VAL A 24 8.42 -8.21 25.84
N ALA A 25 7.62 -8.93 25.05
CA ALA A 25 7.36 -10.35 25.28
C ALA A 25 8.61 -11.18 25.06
N THR A 26 9.48 -10.72 24.17
CA THR A 26 10.71 -11.45 23.85
C THR A 26 11.72 -11.30 24.98
N ASP A 27 11.76 -10.11 25.58
CA ASP A 27 12.61 -9.87 26.75
C ASP A 27 12.21 -10.75 27.95
N GLN A 28 11.28 -11.68 27.74
CA GLN A 28 10.89 -12.66 28.76
C GLN A 28 10.78 -14.08 28.19
N THR A 29 11.25 -14.27 26.96
CA THR A 29 11.35 -15.61 26.40
C THR A 29 12.70 -16.18 26.80
N GLU A 30 12.86 -17.49 26.71
CA GLU A 30 14.14 -18.15 27.01
C GLU A 30 15.25 -17.54 26.14
N ARG A 31 16.08 -16.71 26.75
CA ARG A 31 17.14 -15.98 26.04
C ARG A 31 17.96 -16.90 25.13
N ILE A 32 18.23 -16.43 23.92
CA ILE A 32 18.94 -17.22 22.91
C ILE A 32 20.33 -16.70 22.65
N VAL A 33 21.03 -17.33 21.73
CA VAL A 33 22.34 -16.87 21.33
C VAL A 33 22.22 -15.62 20.44
N GLU A 34 22.75 -14.49 20.91
CA GLU A 34 22.80 -13.26 20.11
C GLU A 34 24.12 -13.18 19.37
N PRO A 35 24.07 -13.09 18.03
CA PRO A 35 25.31 -13.03 17.24
C PRO A 35 26.05 -11.74 17.55
N PRO A 36 27.34 -11.66 17.20
CA PRO A 36 28.07 -10.40 17.32
C PRO A 36 27.43 -9.29 16.48
N GLU A 37 27.68 -8.04 16.84
CA GLU A 37 27.05 -6.90 16.19
C GLU A 37 27.27 -6.92 14.68
N ASN A 38 28.46 -7.27 14.23
CA ASN A 38 28.75 -7.23 12.80
C ASN A 38 28.04 -8.33 12.01
N ILE A 39 27.81 -9.49 12.62
CA ILE A 39 27.07 -10.56 11.93
C ILE A 39 25.60 -10.18 11.89
N GLN A 40 25.13 -9.62 13.00
CA GLN A 40 23.83 -8.96 13.11
C GLN A 40 23.61 -7.92 11.99
N GLU A 41 24.64 -7.13 11.72
CA GLU A 41 24.58 -6.11 10.67
C GLU A 41 24.50 -6.74 9.29
N LYS A 42 25.24 -7.81 9.06
CA LYS A 42 25.20 -8.46 7.75
C LYS A 42 23.85 -9.13 7.50
N ILE A 43 23.21 -9.62 8.55
CA ILE A 43 21.90 -10.25 8.41
C ILE A 43 20.87 -9.20 7.99
N ALA A 44 20.93 -8.03 8.63
CA ALA A 44 20.01 -6.94 8.32
C ALA A 44 20.21 -6.47 6.86
N PHE A 45 21.47 -6.39 6.44
CA PHE A 45 21.79 -6.00 5.08
C PHE A 45 21.14 -6.93 4.06
N ILE A 46 21.34 -8.23 4.28
CA ILE A 46 20.78 -9.26 3.42
C ILE A 46 19.27 -9.15 3.29
N PHE A 47 18.56 -9.00 4.40
CA PHE A 47 17.10 -8.98 4.30
C PHE A 47 16.60 -7.63 3.78
N ASN A 48 17.35 -6.55 4.02
CA ASN A 48 17.02 -5.25 3.42
C ASN A 48 17.13 -5.30 1.90
N ASN A 49 18.06 -6.11 1.40
CA ASN A 49 18.38 -6.09 -0.02
C ASN A 49 17.95 -7.33 -0.78
N LEU A 50 17.06 -8.11 -0.18
CA LEU A 50 16.56 -9.32 -0.80
C LEU A 50 15.55 -8.96 -1.88
N SER A 51 15.73 -9.56 -3.04
CA SER A 51 14.73 -9.43 -4.09
C SER A 51 14.64 -10.77 -4.83
N GLN A 52 13.65 -10.87 -5.72
CA GLN A 52 13.48 -12.07 -6.51
C GLN A 52 14.68 -12.31 -7.41
N SER A 53 15.32 -11.24 -7.86
CA SER A 53 16.41 -11.36 -8.82
C SER A 53 17.72 -11.79 -8.17
N ASN A 54 17.89 -11.54 -6.88
CA ASN A 54 19.14 -11.94 -6.22
C ASN A 54 18.96 -13.02 -5.12
N MET A 55 17.80 -13.66 -5.10
CA MET A 55 17.45 -14.53 -3.99
C MET A 55 18.42 -15.70 -3.82
N THR A 56 18.81 -16.30 -4.93
CA THR A 56 19.71 -17.44 -4.88
C THR A 56 21.05 -17.05 -4.27
N GLN A 57 21.52 -15.85 -4.60
CA GLN A 57 22.81 -15.36 -4.13
C GLN A 57 22.75 -14.93 -2.67
N LYS A 58 21.64 -14.33 -2.27
CA LYS A 58 21.44 -13.91 -0.90
C LYS A 58 21.36 -15.12 0.04
N VAL A 59 20.79 -16.22 -0.47
CA VAL A 59 20.76 -17.48 0.28
C VAL A 59 22.17 -18.00 0.51
N GLU A 60 22.98 -17.99 -0.54
CA GLU A 60 24.36 -18.42 -0.42
C GLU A 60 25.14 -17.48 0.49
N GLU A 61 24.79 -16.20 0.42
CA GLU A 61 25.41 -15.20 1.27
C GLU A 61 25.14 -15.46 2.76
N LEU A 62 23.88 -15.66 3.11
CA LEU A 62 23.50 -15.93 4.48
C LEU A 62 24.13 -17.23 5.01
N LYS A 63 24.26 -18.22 4.14
CA LYS A 63 24.85 -19.51 4.53
C LYS A 63 26.33 -19.36 4.86
N GLU A 64 27.03 -18.50 4.11
CA GLU A 64 28.47 -18.34 4.28
C GLU A 64 28.81 -17.35 5.37
N THR A 65 27.77 -16.80 6.00
CA THR A 65 27.92 -15.71 6.93
C THR A 65 27.42 -16.05 8.34
N VAL A 66 26.31 -16.77 8.43
CA VAL A 66 25.69 -17.05 9.70
C VAL A 66 25.95 -18.49 10.17
N LYS A 67 26.74 -18.62 11.22
CA LYS A 67 26.99 -19.92 11.85
C LYS A 67 25.68 -20.50 12.37
N GLU A 68 25.62 -21.83 12.40
CA GLU A 68 24.42 -22.58 12.76
C GLU A 68 23.80 -22.17 14.10
N GLU A 69 24.63 -21.77 15.05
CA GLU A 69 24.13 -21.42 16.37
C GLU A 69 23.43 -20.05 16.39
N PHE A 70 23.49 -19.33 15.27
CA PHE A 70 22.84 -18.04 15.19
C PHE A 70 21.49 -18.13 14.47
N MET A 71 21.15 -19.35 14.07
CA MET A 71 19.89 -19.61 13.38
C MET A 71 18.65 -19.21 14.19
N PRO A 72 18.59 -19.57 15.49
CA PRO A 72 17.40 -19.13 16.24
C PRO A 72 17.20 -17.62 16.21
N TRP A 73 18.30 -16.86 16.29
CA TRP A 73 18.22 -15.42 16.28
C TRP A 73 17.71 -14.91 14.93
N VAL A 74 18.16 -15.54 13.85
CA VAL A 74 17.72 -15.19 12.51
C VAL A 74 16.21 -15.43 12.33
N SER A 75 15.69 -16.54 12.86
CA SER A 75 14.26 -16.80 12.72
C SER A 75 13.46 -15.77 13.53
N GLN A 76 14.02 -15.35 14.66
CA GLN A 76 13.40 -14.32 15.47
C GLN A 76 13.44 -12.97 14.76
N TYR A 77 14.58 -12.65 14.16
CA TYR A 77 14.73 -11.42 13.39
C TYR A 77 13.71 -11.44 12.24
N LEU A 78 13.66 -12.52 11.48
CA LEU A 78 12.77 -12.61 10.33
C LEU A 78 11.30 -12.44 10.69
N VAL A 79 10.86 -13.16 11.72
CA VAL A 79 9.44 -13.20 12.04
C VAL A 79 8.99 -11.95 12.79
N MET A 80 9.73 -11.59 13.83
CA MET A 80 9.34 -10.46 14.68
C MET A 80 9.52 -9.10 14.03
N LYS A 81 10.65 -8.92 13.36
CA LYS A 81 11.03 -7.58 12.89
C LYS A 81 10.76 -7.37 11.41
N ARG A 82 10.65 -8.45 10.63
CA ARG A 82 10.45 -8.27 9.19
C ARG A 82 9.02 -8.65 8.80
N VAL A 83 8.67 -9.92 9.01
CA VAL A 83 7.39 -10.46 8.57
C VAL A 83 6.20 -9.74 9.22
N SER A 84 6.37 -9.34 10.47
CA SER A 84 5.32 -8.69 11.23
C SER A 84 4.88 -7.34 10.62
N ILE A 85 5.79 -6.66 9.92
CA ILE A 85 5.48 -5.32 9.44
C ILE A 85 5.75 -5.14 7.95
N GLU A 86 5.97 -6.24 7.24
CA GLU A 86 6.26 -6.13 5.82
C GLU A 86 5.45 -7.11 5.00
N PRO A 87 4.11 -7.02 5.07
CA PRO A 87 3.23 -8.00 4.42
C PRO A 87 3.43 -8.01 2.90
N ASN A 88 3.87 -6.88 2.36
CA ASN A 88 4.10 -6.77 0.92
C ASN A 88 5.26 -7.66 0.47
N PHE A 89 6.11 -8.07 1.42
CA PHE A 89 7.20 -8.98 1.06
C PHE A 89 7.06 -10.39 1.68
N HIS A 90 5.83 -10.77 2.05
CA HIS A 90 5.60 -12.13 2.55
C HIS A 90 5.94 -13.20 1.51
N SER A 91 5.47 -13.04 0.27
CA SER A 91 5.83 -14.00 -0.78
C SER A 91 7.34 -14.11 -0.97
N LEU A 92 8.01 -12.97 -0.86
CA LEU A 92 9.47 -12.95 -1.03
C LEU A 92 10.16 -13.75 0.07
N TYR A 93 9.80 -13.50 1.32
CA TYR A 93 10.42 -14.16 2.46
C TYR A 93 10.05 -15.66 2.48
N SER A 94 8.83 -15.98 2.05
CA SER A 94 8.39 -17.35 1.90
C SER A 94 9.20 -18.09 0.85
N ASN A 95 9.32 -17.47 -0.33
CA ASN A 95 10.18 -17.98 -1.39
C ASN A 95 11.63 -18.11 -0.93
N PHE A 96 12.09 -17.20 -0.07
CA PHE A 96 13.43 -17.31 0.51
C PHE A 96 13.56 -18.60 1.35
N LEU A 97 12.53 -18.92 2.13
CA LEU A 97 12.55 -20.17 2.90
C LEU A 97 12.67 -21.36 1.94
N ASP A 98 11.89 -21.34 0.85
CA ASP A 98 11.93 -22.41 -0.16
C ASP A 98 13.30 -22.54 -0.83
N THR A 99 14.01 -21.42 -1.00
CA THR A 99 15.29 -21.47 -1.69
C THR A 99 16.39 -21.96 -0.73
N LEU A 100 16.31 -21.52 0.52
CA LEU A 100 17.27 -21.89 1.54
C LEU A 100 17.23 -23.42 1.84
N LYS A 101 16.04 -24.02 1.80
CA LYS A 101 15.88 -25.47 1.95
C LYS A 101 16.47 -26.01 3.24
N ASN A 102 16.22 -25.32 4.34
CA ASN A 102 16.74 -25.74 5.63
C ASN A 102 15.54 -26.08 6.53
N PRO A 103 15.24 -27.40 6.66
CA PRO A 103 14.03 -27.80 7.38
C PRO A 103 14.05 -27.41 8.87
N GLU A 104 15.22 -27.34 9.48
CA GLU A 104 15.31 -26.96 10.88
C GLU A 104 15.02 -25.47 11.08
N PHE A 105 15.54 -24.64 10.18
CA PHE A 105 15.25 -23.22 10.19
C PHE A 105 13.75 -23.00 9.99
N ASN A 106 13.18 -23.71 9.01
CA ASN A 106 11.74 -23.68 8.77
C ASN A 106 10.91 -23.96 10.03
N LYS A 107 11.36 -24.87 10.89
CA LYS A 107 10.61 -25.16 12.10
C LYS A 107 10.79 -24.06 13.14
N MET A 108 12.00 -23.53 13.28
CA MET A 108 12.21 -22.35 14.12
C MET A 108 11.30 -21.20 13.70
N VAL A 109 11.21 -20.98 12.39
CA VAL A 109 10.42 -19.87 11.86
C VAL A 109 8.95 -20.09 12.20
N LEU A 110 8.49 -21.33 11.99
CA LEU A 110 7.11 -21.70 12.31
C LEU A 110 6.81 -21.56 13.80
N ASN A 111 7.72 -22.02 14.64
CA ASN A 111 7.56 -21.89 16.09
C ASN A 111 7.53 -20.43 16.52
N GLU A 112 8.44 -19.64 15.99
CA GLU A 112 8.48 -18.21 16.31
C GLU A 112 7.21 -17.51 15.86
N THR A 113 6.68 -17.95 14.72
CA THR A 113 5.44 -17.40 14.17
C THR A 113 4.29 -17.63 15.14
N TYR A 114 4.14 -18.87 15.56
CA TYR A 114 3.17 -19.24 16.57
C TYR A 114 3.37 -18.47 17.86
N ARG A 115 4.60 -18.38 18.34
CA ARG A 115 4.88 -17.70 19.59
C ARG A 115 4.42 -16.23 19.55
N ASN A 116 4.75 -15.52 18.47
CA ASN A 116 4.39 -14.10 18.42
C ASN A 116 2.89 -13.93 18.24
N ILE A 117 2.28 -14.83 17.48
CA ILE A 117 0.83 -14.82 17.27
C ILE A 117 0.07 -14.95 18.59
N LYS A 118 0.51 -15.90 19.43
CA LYS A 118 -0.11 -16.11 20.72
C LYS A 118 0.14 -14.94 21.69
N VAL A 119 1.32 -14.34 21.63
CA VAL A 119 1.57 -13.12 22.40
C VAL A 119 0.48 -12.06 22.14
N LEU A 120 0.12 -11.89 20.87
CA LEU A 120 -0.90 -10.90 20.49
C LEU A 120 -2.32 -11.38 20.83
N LEU A 121 -2.60 -12.66 20.62
CA LEU A 121 -3.93 -13.20 20.88
C LEU A 121 -4.30 -13.14 22.35
N THR A 122 -3.30 -13.34 23.21
CA THR A 122 -3.51 -13.43 24.66
C THR A 122 -3.20 -12.13 25.37
N SER A 123 -2.86 -11.09 24.60
CA SER A 123 -2.64 -9.78 25.19
C SER A 123 -3.96 -9.19 25.66
N ASP A 124 -3.89 -8.40 26.73
CA ASP A 124 -5.05 -7.65 27.19
C ASP A 124 -5.27 -6.51 26.20
N LYS A 125 -6.36 -6.60 25.45
CA LYS A 125 -6.58 -5.74 24.30
C LYS A 125 -6.74 -4.27 24.70
N ALA A 126 -7.16 -4.05 25.95
CA ALA A 126 -7.31 -2.69 26.46
C ALA A 126 -5.98 -1.94 26.50
N ALA A 127 -4.89 -2.67 26.69
CA ALA A 127 -3.57 -2.07 26.78
C ALA A 127 -2.76 -2.24 25.48
N ALA A 128 -3.43 -2.63 24.41
CA ALA A 128 -2.74 -2.93 23.16
C ALA A 128 -2.20 -1.66 22.51
N ASN A 129 -1.19 -1.82 21.65
CA ASN A 129 -0.75 -0.74 20.78
C ASN A 129 -1.64 -0.68 19.56
N PHE A 130 -1.70 0.48 18.93
CA PHE A 130 -2.51 0.68 17.75
C PHE A 130 -2.14 -0.31 16.65
N SER A 131 -0.88 -0.68 16.61
CA SER A 131 -0.35 -1.49 15.54
C SER A 131 -0.68 -2.98 15.70
N ASP A 132 -1.07 -3.38 16.92
CA ASP A 132 -1.16 -4.81 17.26
C ASP A 132 -2.18 -5.57 16.41
N ARG A 133 -3.32 -4.95 16.11
CA ARG A 133 -4.30 -5.55 15.22
C ARG A 133 -3.69 -5.93 13.87
N SER A 134 -2.87 -5.02 13.33
CA SER A 134 -2.15 -5.23 12.06
C SER A 134 -1.06 -6.27 12.15
N LEU A 135 -0.28 -6.22 13.23
CA LEU A 135 0.77 -7.22 13.45
C LEU A 135 0.18 -8.63 13.44
N LEU A 136 -0.99 -8.78 14.06
CA LEU A 136 -1.64 -10.08 14.15
C LEU A 136 -2.18 -10.51 12.78
N LYS A 137 -2.78 -9.58 12.05
CA LYS A 137 -3.25 -9.90 10.69
C LYS A 137 -2.09 -10.29 9.78
N ASN A 138 -1.01 -9.54 9.88
CA ASN A 138 0.18 -9.85 9.09
C ASN A 138 0.73 -11.25 9.43
N LEU A 139 0.87 -11.54 10.71
CA LEU A 139 1.40 -12.86 11.14
C LEU A 139 0.46 -13.99 10.77
N GLY A 140 -0.83 -13.71 10.80
CA GLY A 140 -1.82 -14.65 10.29
C GLY A 140 -1.65 -14.92 8.82
N HIS A 141 -1.49 -13.86 8.04
CA HIS A 141 -1.30 -14.02 6.61
C HIS A 141 -0.05 -14.86 6.32
N TRP A 142 1.06 -14.53 7.00
CA TRP A 142 2.30 -15.31 6.95
C TRP A 142 2.10 -16.77 7.37
N LEU A 143 1.39 -16.99 8.48
CA LEU A 143 1.17 -18.36 8.96
C LEU A 143 0.48 -19.21 7.89
N GLY A 144 -0.57 -18.70 7.27
CA GLY A 144 -1.26 -19.48 6.23
C GLY A 144 -0.36 -19.77 5.04
N MET A 145 0.51 -18.81 4.71
CA MET A 145 1.41 -18.96 3.55
C MET A 145 2.46 -20.03 3.72
N ILE A 146 2.99 -20.17 4.93
CA ILE A 146 4.03 -21.15 5.17
C ILE A 146 3.49 -22.45 5.77
N THR A 147 2.18 -22.58 5.94
CA THR A 147 1.60 -23.87 6.32
C THR A 147 0.61 -24.34 5.28
N LEU A 148 -0.64 -23.90 5.37
CA LEU A 148 -1.67 -24.38 4.45
C LEU A 148 -1.28 -24.24 2.98
N ALA A 149 -0.81 -23.05 2.58
CA ALA A 149 -0.41 -22.82 1.18
C ALA A 149 0.69 -23.78 0.71
N LYS A 150 1.46 -24.34 1.64
CA LYS A 150 2.48 -25.34 1.30
C LYS A 150 2.03 -26.76 1.68
N ASN A 151 0.72 -26.95 1.79
CA ASN A 151 0.13 -28.25 2.04
C ASN A 151 0.61 -28.85 3.36
N LYS A 152 0.95 -27.98 4.31
CA LYS A 152 1.22 -28.40 5.68
C LYS A 152 0.10 -27.94 6.60
N PRO A 153 -0.38 -28.87 7.45
CA PRO A 153 -1.49 -28.62 8.37
C PRO A 153 -1.15 -27.64 9.47
N ILE A 154 -2.15 -26.93 9.94
CA ILE A 154 -2.05 -26.19 11.19
C ILE A 154 -2.61 -27.13 12.25
N LEU A 155 -1.74 -27.67 13.09
CA LEU A 155 -2.16 -28.66 14.07
C LEU A 155 -2.86 -27.96 15.23
N HIS A 156 -3.93 -28.56 15.73
CA HIS A 156 -4.66 -27.95 16.83
C HIS A 156 -3.80 -27.81 18.08
N THR A 157 -2.78 -28.65 18.22
CA THR A 157 -1.88 -28.53 19.37
C THR A 157 -0.92 -27.35 19.20
N ASP A 158 -0.78 -26.83 17.98
CA ASP A 158 0.01 -25.62 17.78
C ASP A 158 -0.87 -24.38 17.86
N LEU A 159 -1.99 -24.40 17.17
CA LEU A 159 -2.96 -23.32 17.25
C LEU A 159 -4.33 -23.88 16.96
N ASP A 160 -5.23 -23.77 17.92
CA ASP A 160 -6.57 -24.32 17.74
C ASP A 160 -7.48 -23.23 17.23
N VAL A 161 -7.52 -23.13 15.89
CA VAL A 161 -8.18 -22.00 15.22
C VAL A 161 -9.67 -21.98 15.50
N LYS A 162 -10.33 -23.12 15.35
CA LYS A 162 -11.75 -23.24 15.63
C LYS A 162 -12.08 -22.87 17.09
N SER A 163 -11.30 -23.38 18.05
CA SER A 163 -11.54 -23.03 19.46
C SER A 163 -11.31 -21.54 19.70
N LEU A 164 -10.32 -20.99 19.01
CA LEU A 164 -9.98 -19.57 19.12
C LEU A 164 -11.20 -18.69 18.81
N LEU A 165 -11.95 -19.07 17.79
CA LEU A 165 -13.18 -18.36 17.43
C LEU A 165 -14.27 -18.51 18.50
N LEU A 166 -14.45 -19.73 19.01
CA LEU A 166 -15.42 -19.99 20.06
C LEU A 166 -15.09 -19.16 21.28
N GLU A 167 -13.82 -19.16 21.66
CA GLU A 167 -13.36 -18.42 22.82
C GLU A 167 -13.51 -16.92 22.62
N ALA A 168 -13.27 -16.44 21.41
CA ALA A 168 -13.38 -15.00 21.17
C ALA A 168 -14.84 -14.56 21.27
N TYR A 169 -15.73 -15.37 20.71
CA TYR A 169 -17.16 -15.13 20.81
C TYR A 169 -17.58 -14.91 22.26
N VAL A 170 -17.08 -15.76 23.16
CA VAL A 170 -17.42 -15.65 24.57
C VAL A 170 -16.87 -14.37 25.21
N LYS A 171 -15.67 -13.97 24.84
CA LYS A 171 -15.03 -12.78 25.41
C LYS A 171 -15.63 -11.48 24.89
N GLY A 172 -16.28 -11.54 23.72
CA GLY A 172 -16.95 -10.36 23.21
C GLY A 172 -16.42 -9.74 21.93
N GLN A 173 -16.99 -8.59 21.58
CA GLN A 173 -16.75 -7.94 20.29
C GLN A 173 -15.31 -7.46 20.12
N GLN A 174 -14.72 -6.95 21.18
CA GLN A 174 -13.36 -6.44 21.08
C GLN A 174 -12.39 -7.58 20.77
N GLU A 175 -12.62 -8.73 21.37
CA GLU A 175 -11.82 -9.90 21.04
C GLU A 175 -12.09 -10.35 19.61
N LEU A 176 -13.35 -10.37 19.19
CA LEU A 176 -13.71 -10.76 17.83
C LEU A 176 -13.11 -9.82 16.78
N LEU A 177 -12.95 -8.55 17.15
CA LEU A 177 -12.34 -7.56 16.25
C LEU A 177 -10.90 -7.91 15.90
N TYR A 178 -10.17 -8.48 16.86
CA TYR A 178 -8.81 -8.96 16.64
C TYR A 178 -8.77 -10.33 15.96
N VAL A 179 -9.65 -11.22 16.40
CA VAL A 179 -9.54 -12.63 16.05
C VAL A 179 -10.12 -12.98 14.68
N VAL A 180 -11.26 -12.42 14.35
CA VAL A 180 -11.87 -12.78 13.07
C VAL A 180 -11.02 -12.34 11.84
N PRO A 181 -10.48 -11.10 11.81
CA PRO A 181 -9.63 -10.78 10.66
C PRO A 181 -8.35 -11.63 10.61
N PHE A 182 -7.84 -12.00 11.78
CA PHE A 182 -6.69 -12.89 11.86
C PHE A 182 -7.01 -14.23 11.18
N VAL A 183 -8.15 -14.82 11.53
CA VAL A 183 -8.53 -16.12 10.98
C VAL A 183 -8.73 -16.03 9.46
N ALA A 184 -9.34 -14.94 9.01
CA ALA A 184 -9.54 -14.69 7.59
C ALA A 184 -8.21 -14.68 6.83
N LYS A 185 -7.21 -14.02 7.40
CA LYS A 185 -5.90 -13.94 6.75
C LYS A 185 -5.21 -15.30 6.67
N VAL A 186 -5.37 -16.10 7.72
CA VAL A 186 -4.82 -17.46 7.70
C VAL A 186 -5.53 -18.24 6.60
N LEU A 187 -6.86 -18.19 6.57
CA LEU A 187 -7.62 -19.08 5.68
C LEU A 187 -7.55 -18.71 4.20
N GLU A 188 -7.12 -17.50 3.90
CA GLU A 188 -6.97 -17.06 2.50
C GLU A 188 -6.06 -18.00 1.72
N SER A 189 -5.03 -18.51 2.40
CA SER A 189 -4.10 -19.42 1.72
C SER A 189 -4.70 -20.79 1.40
N SER A 190 -5.84 -21.13 2.02
CA SER A 190 -6.37 -22.49 1.83
C SER A 190 -6.81 -22.69 0.38
N ILE A 191 -7.20 -21.60 -0.29
CA ILE A 191 -7.72 -21.72 -1.64
C ILE A 191 -6.58 -22.01 -2.62
N ARG A 192 -5.36 -21.65 -2.24
CA ARG A 192 -4.16 -21.96 -3.01
C ARG A 192 -3.56 -23.33 -2.62
N SER A 193 -4.21 -24.03 -1.69
CA SER A 193 -3.71 -25.33 -1.26
C SER A 193 -4.48 -26.47 -1.88
N VAL A 194 -3.77 -27.34 -2.56
CA VAL A 194 -4.35 -28.55 -3.10
C VAL A 194 -5.01 -29.39 -1.98
N VAL A 195 -4.34 -29.46 -0.84
CA VAL A 195 -4.87 -30.21 0.30
C VAL A 195 -6.02 -29.46 0.99
N PHE A 196 -5.80 -28.21 1.37
CA PHE A 196 -6.75 -27.54 2.26
C PHE A 196 -7.86 -26.67 1.62
N ARG A 197 -7.92 -26.59 0.31
CA ARG A 197 -9.00 -25.83 -0.29
C ARG A 197 -10.31 -26.54 -0.03
N PRO A 198 -11.43 -25.79 -0.03
CA PRO A 198 -12.76 -26.41 0.07
C PRO A 198 -12.88 -27.56 -0.95
N PRO A 199 -13.48 -28.69 -0.55
CA PRO A 199 -14.19 -28.84 0.73
C PRO A 199 -13.43 -29.58 1.84
N ASN A 200 -12.10 -29.43 1.93
CA ASN A 200 -11.34 -29.98 3.05
C ASN A 200 -12.05 -29.74 4.38
N PRO A 201 -12.26 -30.81 5.16
CA PRO A 201 -13.06 -30.79 6.39
C PRO A 201 -12.52 -29.80 7.44
N TRP A 202 -11.21 -29.66 7.51
CA TRP A 202 -10.62 -28.74 8.47
C TRP A 202 -11.03 -27.30 8.13
N THR A 203 -10.84 -26.94 6.86
CA THR A 203 -11.18 -25.61 6.38
C THR A 203 -12.68 -25.38 6.55
N MET A 204 -13.49 -26.34 6.11
CA MET A 204 -14.94 -26.20 6.18
C MET A 204 -15.50 -26.11 7.60
N ALA A 205 -14.87 -26.78 8.57
CA ALA A 205 -15.34 -26.66 9.95
C ALA A 205 -15.14 -25.24 10.45
N ILE A 206 -14.01 -24.65 10.09
CA ILE A 206 -13.73 -23.30 10.52
C ILE A 206 -14.70 -22.35 9.83
N MET A 207 -14.95 -22.59 8.54
CA MET A 207 -15.87 -21.75 7.77
C MET A 207 -17.30 -21.81 8.31
N ASN A 208 -17.70 -22.98 8.81
CA ASN A 208 -19.05 -23.15 9.34
C ASN A 208 -19.26 -22.45 10.67
N VAL A 209 -18.19 -22.34 11.46
CA VAL A 209 -18.19 -21.54 12.67
C VAL A 209 -18.30 -20.04 12.31
N LEU A 210 -17.62 -19.62 11.25
CA LEU A 210 -17.67 -18.21 10.85
C LEU A 210 -19.06 -17.88 10.33
N ALA A 211 -19.69 -18.83 9.66
CA ALA A 211 -21.07 -18.67 9.19
C ALA A 211 -22.02 -18.48 10.37
N GLU A 212 -21.79 -19.24 11.44
CA GLU A 212 -22.56 -19.09 12.67
C GLU A 212 -22.39 -17.70 13.26
N LEU A 213 -21.13 -17.27 13.34
CA LEU A 213 -20.83 -15.91 13.77
C LEU A 213 -21.55 -14.88 12.91
N HIS A 214 -21.55 -15.12 11.60
CA HIS A 214 -22.11 -14.17 10.65
C HIS A 214 -23.61 -13.97 10.90
N GLN A 215 -24.27 -15.03 11.36
CA GLN A 215 -25.70 -15.01 11.65
C GLN A 215 -26.09 -14.17 12.85
N GLU A 216 -25.15 -13.89 13.73
CA GLU A 216 -25.38 -13.03 14.88
C GLU A 216 -25.81 -11.63 14.42
N HIS A 217 -27.05 -11.25 14.76
CA HIS A 217 -27.62 -9.96 14.35
C HIS A 217 -26.74 -8.79 14.79
N ASP A 218 -26.05 -8.95 15.90
CA ASP A 218 -25.27 -7.86 16.50
C ASP A 218 -23.76 -7.96 16.26
N LEU A 219 -23.32 -8.93 15.46
CA LEU A 219 -21.92 -8.97 15.03
C LEU A 219 -21.66 -7.71 14.20
N LYS A 220 -20.57 -7.01 14.49
CA LYS A 220 -20.31 -5.74 13.81
C LYS A 220 -20.23 -5.93 12.28
N LEU A 221 -20.68 -4.93 11.53
CA LEU A 221 -20.75 -5.02 10.08
C LEU A 221 -19.40 -5.34 9.42
N ASN A 222 -18.33 -4.69 9.86
CA ASN A 222 -17.04 -4.93 9.23
C ASN A 222 -16.55 -6.38 9.44
N LEU A 223 -17.07 -7.06 10.48
CA LEU A 223 -16.75 -8.49 10.70
C LEU A 223 -17.61 -9.37 9.81
N LYS A 224 -18.85 -8.96 9.59
CA LYS A 224 -19.70 -9.65 8.63
C LYS A 224 -19.05 -9.54 7.25
N PHE A 225 -18.56 -8.35 6.92
CA PHE A 225 -17.85 -8.11 5.66
C PHE A 225 -16.61 -8.98 5.51
N GLU A 226 -15.76 -9.06 6.55
CA GLU A 226 -14.59 -9.94 6.55
C GLU A 226 -14.95 -11.36 6.17
N ILE A 227 -16.02 -11.87 6.77
CA ILE A 227 -16.39 -13.27 6.56
C ILE A 227 -16.89 -13.45 5.12
N GLU A 228 -17.69 -12.50 4.63
CA GLU A 228 -18.25 -12.59 3.28
C GLU A 228 -17.18 -12.43 2.20
N VAL A 229 -16.20 -11.56 2.45
CA VAL A 229 -15.12 -11.41 1.48
C VAL A 229 -14.27 -12.69 1.48
N LEU A 230 -13.94 -13.21 2.66
CA LEU A 230 -13.23 -14.49 2.76
C LEU A 230 -13.94 -15.58 1.97
N CYS A 231 -15.26 -15.67 2.12
CA CYS A 231 -16.02 -16.65 1.35
C CYS A 231 -15.78 -16.52 -0.15
N LYS A 232 -15.88 -15.29 -0.68
CA LYS A 232 -15.64 -15.05 -2.10
C LYS A 232 -14.22 -15.45 -2.49
N ASN A 233 -13.26 -15.12 -1.64
CA ASN A 233 -11.88 -15.50 -1.92
C ASN A 233 -11.67 -17.02 -1.93
N LEU A 234 -12.50 -17.74 -1.20
CA LEU A 234 -12.44 -19.21 -1.20
C LEU A 234 -13.46 -19.83 -2.15
N ALA A 235 -14.12 -18.99 -2.95
CA ALA A 235 -15.09 -19.43 -3.97
C ALA A 235 -16.23 -20.23 -3.34
N LEU A 236 -16.66 -19.78 -2.16
CA LEU A 236 -17.71 -20.42 -1.39
C LEU A 236 -18.95 -19.54 -1.39
N ASP A 237 -20.11 -20.12 -1.70
CA ASP A 237 -21.36 -19.42 -1.46
C ASP A 237 -21.67 -19.45 0.04
N ILE A 238 -21.59 -18.28 0.67
CA ILE A 238 -21.82 -18.16 2.11
C ILE A 238 -23.19 -18.75 2.51
N ASN A 239 -24.16 -18.71 1.60
CA ASN A 239 -25.49 -19.25 1.89
C ASN A 239 -25.53 -20.77 1.85
N GLU A 240 -24.52 -21.40 1.26
CA GLU A 240 -24.45 -22.86 1.20
C GLU A 240 -23.65 -23.44 2.36
N LEU A 241 -23.10 -22.58 3.21
CA LEU A 241 -22.37 -23.08 4.37
C LEU A 241 -23.34 -23.78 5.32
N LYS A 242 -22.81 -24.52 6.27
CA LYS A 242 -23.67 -25.30 7.17
C LYS A 242 -23.37 -24.97 8.63
N PRO A 243 -23.79 -23.77 9.08
CA PRO A 243 -23.53 -23.39 10.47
C PRO A 243 -24.34 -24.26 11.43
N GLY A 244 -23.74 -24.63 12.56
CA GLY A 244 -24.42 -25.42 13.57
C GLY A 244 -24.80 -24.57 14.78
N ASN A 245 -24.64 -25.12 15.98
CA ASN A 245 -24.98 -24.37 17.19
C ASN A 245 -23.82 -24.32 18.16
N LEU A 246 -22.61 -24.45 17.63
CA LEU A 246 -21.40 -24.50 18.45
C LEU A 246 -21.21 -23.26 19.35
N LEU A 247 -21.74 -22.15 18.90
CA LEU A 247 -21.70 -20.91 19.63
C LEU A 247 -22.50 -20.93 20.91
N LYS A 248 -23.69 -21.47 20.81
CA LYS A 248 -24.63 -21.42 21.89
C LYS A 248 -24.08 -22.19 23.04
N ASP A 249 -23.61 -23.39 22.74
CA ASP A 249 -24.33 -24.61 22.73
C ASP A 249 -24.10 -24.91 24.18
N LYS A 250 -23.24 -25.89 24.50
CA LYS A 250 -22.44 -25.93 25.72
C LYS A 250 -23.24 -25.45 26.91
N ASP A 251 -23.85 -26.33 27.65
CA ASP A 251 -24.67 -25.84 28.72
C ASP A 251 -23.70 -25.31 29.74
N ARG A 252 -23.45 -24.00 29.67
CA ARG A 252 -22.50 -23.37 30.59
C ARG A 252 -22.98 -23.36 32.05
N LEU A 253 -24.28 -23.26 32.28
CA LEU A 253 -24.81 -23.33 33.65
C LEU A 253 -24.58 -24.71 34.25
N LYS A 254 -25.08 -25.76 33.58
CA LYS A 254 -24.85 -27.14 34.02
C LYS A 254 -23.36 -27.45 34.23
N ASN A 255 -22.51 -26.98 33.33
CA ASN A 255 -21.08 -27.26 33.38
C ASN A 255 -20.38 -26.75 34.64
N LEU A 256 -21.03 -25.79 35.31
CA LEU A 256 -20.50 -25.30 36.58
C LEU A 256 -20.52 -26.39 37.65
N ASP A 257 -21.33 -27.43 37.45
CA ASP A 257 -21.41 -28.53 38.41
C ASP A 257 -20.54 -29.74 38.04
N GLU A 258 -19.38 -29.47 37.43
CA GLU A 258 -18.27 -30.41 37.14
C GLU A 258 -18.37 -30.99 35.72
N GLY B 4 -23.22 11.85 8.67
CA GLY B 4 -22.14 12.00 9.63
C GLY B 4 -20.74 11.98 9.01
N ASN B 5 -19.85 11.19 9.61
CA ASN B 5 -18.44 11.16 9.23
C ASN B 5 -17.89 9.73 9.10
N GLU B 6 -18.80 8.75 9.00
CA GLU B 6 -18.42 7.37 8.75
C GLU B 6 -19.01 6.94 7.41
N PHE B 7 -18.33 6.06 6.69
CA PHE B 7 -18.80 5.61 5.38
C PHE B 7 -20.23 5.08 5.44
N GLU B 8 -20.56 4.45 6.56
CA GLU B 8 -21.88 3.87 6.76
C GLU B 8 -22.97 4.96 6.82
N ASP B 9 -22.59 6.16 7.21
CA ASP B 9 -23.52 7.29 7.28
C ASP B 9 -24.07 7.74 5.93
N TYR B 10 -23.36 7.40 4.84
CA TYR B 10 -23.72 7.88 3.52
C TYR B 10 -24.80 7.03 2.86
N CYS B 11 -25.13 5.92 3.52
CA CYS B 11 -26.22 5.03 3.07
C CYS B 11 -26.03 4.54 1.63
N LEU B 12 -24.80 4.18 1.29
CA LEU B 12 -24.50 3.61 -0.02
C LEU B 12 -25.07 2.20 -0.13
N LYS B 13 -25.15 1.65 -1.35
CA LYS B 13 -25.52 0.24 -1.50
C LYS B 13 -24.52 -0.64 -0.72
N ARG B 14 -25.01 -1.78 -0.23
CA ARG B 14 -24.19 -2.64 0.63
C ARG B 14 -22.99 -3.15 -0.16
N GLU B 15 -23.25 -3.51 -1.41
CA GLU B 15 -22.21 -3.92 -2.35
C GLU B 15 -21.08 -2.90 -2.47
N LEU B 16 -21.43 -1.62 -2.51
CA LEU B 16 -20.42 -0.57 -2.70
C LEU B 16 -19.64 -0.37 -1.42
N LEU B 17 -20.34 -0.39 -0.29
CA LEU B 17 -19.66 -0.32 1.01
C LEU B 17 -18.70 -1.50 1.19
N MET B 18 -19.07 -2.67 0.68
CA MET B 18 -18.21 -3.85 0.78
C MET B 18 -16.96 -3.61 -0.05
N GLY B 19 -17.14 -3.01 -1.22
CA GLY B 19 -16.00 -2.55 -2.03
C GLY B 19 -15.07 -1.61 -1.30
N ILE B 20 -15.65 -0.62 -0.62
CA ILE B 20 -14.87 0.35 0.16
C ILE B 20 -14.13 -0.37 1.30
N PHE B 21 -14.83 -1.25 1.98
CA PHE B 21 -14.23 -2.04 3.04
C PHE B 21 -13.02 -2.83 2.50
N GLU B 22 -13.20 -3.49 1.36
CA GLU B 22 -12.13 -4.34 0.81
C GLU B 22 -10.93 -3.52 0.32
N MET B 23 -11.13 -2.23 0.00
CA MET B 23 -10.01 -1.34 -0.30
C MET B 23 -9.14 -1.08 0.92
N GLY B 24 -9.69 -1.36 2.09
CA GLY B 24 -9.03 -1.03 3.35
C GLY B 24 -9.26 0.43 3.73
N TRP B 25 -10.25 1.05 3.12
CA TRP B 25 -10.61 2.43 3.46
C TRP B 25 -11.48 2.42 4.70
N GLU B 26 -10.92 2.77 5.84
CA GLU B 26 -11.66 2.64 7.09
C GLU B 26 -12.50 3.86 7.41
N LYS B 27 -11.86 5.03 7.37
CA LYS B 27 -12.58 6.27 7.66
C LYS B 27 -12.39 7.27 6.52
N PRO B 28 -13.46 7.97 6.16
CA PRO B 28 -13.42 8.95 5.06
C PRO B 28 -12.25 9.93 5.19
N SER B 29 -11.54 10.18 4.09
CA SER B 29 -10.56 11.25 4.02
C SER B 29 -11.31 12.58 3.98
N PRO B 30 -10.60 13.69 4.25
CA PRO B 30 -11.35 14.96 4.26
C PRO B 30 -12.00 15.29 2.90
N ILE B 31 -11.32 15.02 1.79
CA ILE B 31 -11.93 15.27 0.48
C ILE B 31 -13.14 14.35 0.26
N GLN B 32 -13.08 13.13 0.77
CA GLN B 32 -14.22 12.21 0.69
C GLN B 32 -15.38 12.71 1.54
N GLU B 33 -15.04 13.20 2.73
CA GLU B 33 -16.03 13.67 3.67
C GLU B 33 -16.75 14.89 3.10
N GLU B 34 -15.98 15.73 2.42
CA GLU B 34 -16.56 16.93 1.81
C GLU B 34 -17.31 16.63 0.51
N SER B 35 -16.83 15.69 -0.30
CA SER B 35 -17.42 15.46 -1.63
C SER B 35 -18.65 14.58 -1.62
N ILE B 36 -18.61 13.51 -0.83
CA ILE B 36 -19.54 12.40 -1.02
C ILE B 36 -21.00 12.74 -0.69
N PRO B 37 -21.29 13.29 0.51
CA PRO B 37 -22.73 13.53 0.74
C PRO B 37 -23.35 14.58 -0.19
N ILE B 38 -22.62 15.62 -0.57
CA ILE B 38 -23.14 16.60 -1.52
C ILE B 38 -23.32 15.98 -2.92
N ALA B 39 -22.29 15.30 -3.42
CA ALA B 39 -22.39 14.65 -4.72
C ALA B 39 -23.53 13.65 -4.76
N LEU B 40 -23.76 12.95 -3.66
CA LEU B 40 -24.86 11.98 -3.56
C LEU B 40 -26.23 12.64 -3.74
N SER B 41 -26.35 13.90 -3.31
CA SER B 41 -27.59 14.64 -3.43
C SER B 41 -27.84 15.13 -4.87
N GLY B 42 -26.77 15.21 -5.67
CA GLY B 42 -26.92 15.57 -7.07
C GLY B 42 -26.32 16.92 -7.46
N ARG B 43 -25.88 17.69 -6.47
CA ARG B 43 -25.29 19.01 -6.74
C ARG B 43 -23.95 18.95 -7.46
N ASP B 44 -23.72 19.90 -8.36
CA ASP B 44 -22.43 20.08 -8.99
C ASP B 44 -21.39 20.41 -7.92
N ILE B 45 -20.14 20.09 -8.20
CA ILE B 45 -19.08 20.34 -7.24
C ILE B 45 -17.97 21.14 -7.89
N LEU B 46 -17.44 22.09 -7.13
CA LEU B 46 -16.32 22.89 -7.54
C LEU B 46 -15.25 22.75 -6.49
N ALA B 47 -14.17 22.03 -6.79
CA ALA B 47 -13.23 21.69 -5.74
C ALA B 47 -11.81 22.08 -6.07
N ARG B 48 -11.18 22.73 -5.11
CA ARG B 48 -9.76 23.04 -5.19
C ARG B 48 -8.99 22.00 -4.38
N ALA B 49 -8.32 21.09 -5.07
CA ALA B 49 -7.49 20.08 -4.43
C ALA B 49 -6.21 19.93 -5.23
N LYS B 50 -5.13 19.59 -4.56
CA LYS B 50 -3.83 19.49 -5.23
C LYS B 50 -3.79 18.28 -6.16
N ASN B 51 -2.91 18.33 -7.14
CA ASN B 51 -2.67 17.17 -7.98
C ASN B 51 -2.07 16.07 -7.11
N GLY B 52 -2.54 14.85 -7.28
CA GLY B 52 -1.98 13.75 -6.50
C GLY B 52 -2.76 13.51 -5.22
N THR B 53 -3.55 14.51 -4.82
CA THR B 53 -4.53 14.29 -3.76
C THR B 53 -5.48 13.17 -4.21
N GLY B 54 -5.98 12.40 -3.24
CA GLY B 54 -6.84 11.27 -3.53
C GLY B 54 -8.27 11.69 -3.82
N LYS B 55 -8.44 12.45 -4.90
CA LYS B 55 -9.75 12.91 -5.35
C LYS B 55 -10.62 11.74 -5.83
N SER B 56 -10.01 10.82 -6.57
CA SER B 56 -10.67 9.59 -7.02
C SER B 56 -11.52 8.94 -5.94
N GLY B 57 -10.92 8.76 -4.77
CA GLY B 57 -11.58 8.12 -3.66
C GLY B 57 -12.82 8.88 -3.22
N ALA B 58 -12.83 10.20 -3.48
CA ALA B 58 -13.98 11.03 -3.18
C ALA B 58 -15.05 10.92 -4.27
N TYR B 59 -14.68 11.10 -5.54
CA TYR B 59 -15.72 11.17 -6.57
C TYR B 59 -16.18 9.82 -7.15
N LEU B 60 -15.36 8.78 -7.07
CA LEU B 60 -15.77 7.49 -7.61
C LEU B 60 -16.94 6.88 -6.81
N ILE B 61 -17.01 7.18 -5.53
CA ILE B 61 -18.03 6.57 -4.69
C ILE B 61 -19.44 7.06 -5.06
N PRO B 62 -19.67 8.39 -5.07
CA PRO B 62 -21.01 8.79 -5.52
C PRO B 62 -21.29 8.43 -6.99
N LEU B 63 -20.26 8.48 -7.84
CA LEU B 63 -20.41 8.01 -9.20
C LEU B 63 -20.94 6.56 -9.25
N LEU B 64 -20.27 5.64 -8.55
CA LEU B 64 -20.72 4.26 -8.53
C LEU B 64 -22.11 4.13 -7.91
N GLU B 65 -22.39 4.89 -6.84
CA GLU B 65 -23.70 4.82 -6.20
C GLU B 65 -24.82 5.20 -7.16
N ARG B 66 -24.52 6.08 -8.12
CA ARG B 66 -25.51 6.60 -9.05
C ARG B 66 -25.89 5.59 -10.14
N LEU B 67 -25.02 4.61 -10.37
CA LEU B 67 -25.22 3.67 -11.48
C LEU B 67 -26.50 2.84 -11.34
N ASP B 68 -27.13 2.57 -12.47
CA ASP B 68 -28.21 1.60 -12.55
C ASP B 68 -27.75 0.49 -13.48
N LEU B 69 -27.36 -0.65 -12.90
CA LEU B 69 -26.76 -1.72 -13.68
C LEU B 69 -27.79 -2.51 -14.49
N LYS B 70 -29.06 -2.16 -14.35
CA LYS B 70 -30.11 -2.78 -15.17
C LYS B 70 -30.14 -2.17 -16.56
N LYS B 71 -29.38 -1.10 -16.76
CA LYS B 71 -29.23 -0.44 -18.05
C LYS B 71 -27.85 -0.68 -18.64
N ASP B 72 -27.79 -1.10 -19.89
CA ASP B 72 -26.52 -1.37 -20.57
C ASP B 72 -25.85 -0.11 -21.14
N ASN B 73 -26.33 1.07 -20.75
CA ASN B 73 -25.81 2.33 -21.31
C ASN B 73 -24.66 2.91 -20.50
N ILE B 74 -23.77 3.65 -21.17
CA ILE B 74 -22.80 4.46 -20.45
C ILE B 74 -23.56 5.50 -19.64
N GLN B 75 -23.24 5.60 -18.36
CA GLN B 75 -23.97 6.48 -17.44
C GLN B 75 -23.08 7.48 -16.69
N ALA B 76 -21.77 7.27 -16.74
CA ALA B 76 -20.86 8.16 -16.04
C ALA B 76 -19.51 8.19 -16.71
N MET B 77 -18.87 9.35 -16.69
CA MET B 77 -17.57 9.52 -17.31
C MET B 77 -16.65 10.29 -16.39
N VAL B 78 -15.38 9.90 -16.39
CA VAL B 78 -14.35 10.66 -15.72
C VAL B 78 -13.36 11.09 -16.78
N ILE B 79 -13.14 12.40 -16.91
CA ILE B 79 -12.18 12.90 -17.88
C ILE B 79 -10.91 13.33 -17.16
N VAL B 80 -9.77 12.84 -17.64
CA VAL B 80 -8.47 13.11 -17.01
C VAL B 80 -7.49 13.53 -18.10
N PRO B 81 -6.47 14.32 -17.74
CA PRO B 81 -5.54 14.82 -18.76
C PRO B 81 -4.38 13.88 -19.17
N THR B 82 -4.14 12.79 -18.44
CA THR B 82 -3.02 11.91 -18.81
C THR B 82 -3.39 10.43 -18.82
N ARG B 83 -2.69 9.68 -19.66
CA ARG B 83 -2.80 8.23 -19.71
C ARG B 83 -2.55 7.60 -18.34
N GLU B 84 -1.60 8.15 -17.58
CA GLU B 84 -1.23 7.58 -16.29
C GLU B 84 -2.35 7.75 -15.26
N LEU B 85 -3.04 8.91 -15.29
CA LEU B 85 -4.15 9.12 -14.37
C LEU B 85 -5.34 8.24 -14.77
N ALA B 86 -5.54 8.09 -16.08
CA ALA B 86 -6.63 7.25 -16.56
C ALA B 86 -6.48 5.81 -16.07
N LEU B 87 -5.25 5.29 -16.13
CA LEU B 87 -5.00 3.94 -15.68
C LEU B 87 -5.30 3.83 -14.20
N GLN B 88 -4.69 4.73 -13.43
CA GLN B 88 -4.85 4.77 -11.97
C GLN B 88 -6.32 4.85 -11.52
N VAL B 89 -7.07 5.76 -12.11
CA VAL B 89 -8.46 5.98 -11.73
C VAL B 89 -9.33 4.79 -12.07
N SER B 90 -9.14 4.23 -13.27
CA SER B 90 -9.93 3.06 -13.70
C SER B 90 -9.64 1.83 -12.83
N GLN B 91 -8.40 1.69 -12.36
CA GLN B 91 -8.03 0.57 -11.48
C GLN B 91 -8.73 0.69 -10.14
N ILE B 92 -8.64 1.87 -9.53
CA ILE B 92 -9.31 2.14 -8.26
C ILE B 92 -10.80 1.91 -8.43
N CYS B 93 -11.36 2.38 -9.55
CA CYS B 93 -12.80 2.22 -9.80
C CYS B 93 -13.23 0.76 -9.96
N ILE B 94 -12.40 -0.04 -10.61
CA ILE B 94 -12.68 -1.45 -10.79
C ILE B 94 -12.62 -2.19 -9.44
N GLN B 95 -11.68 -1.83 -8.58
CA GLN B 95 -11.59 -2.45 -7.26
C GLN B 95 -12.75 -2.06 -6.35
N VAL B 96 -13.09 -0.78 -6.33
CA VAL B 96 -14.13 -0.29 -5.44
C VAL B 96 -15.47 -0.89 -5.83
N SER B 97 -15.66 -1.13 -7.12
CA SER B 97 -16.95 -1.67 -7.58
C SER B 97 -17.02 -3.21 -7.74
N LYS B 98 -16.03 -3.94 -7.23
CA LYS B 98 -15.94 -5.39 -7.54
C LYS B 98 -17.05 -6.27 -6.94
N HIS B 99 -17.85 -5.72 -6.03
CA HIS B 99 -18.97 -6.49 -5.44
C HIS B 99 -20.32 -6.15 -6.07
N MET B 100 -20.34 -5.16 -6.97
CA MET B 100 -21.62 -4.62 -7.44
C MET B 100 -22.34 -5.52 -8.46
N GLY B 101 -21.68 -6.58 -8.91
CA GLY B 101 -22.31 -7.54 -9.80
C GLY B 101 -22.65 -7.06 -11.19
N GLY B 102 -21.65 -6.90 -12.05
CA GLY B 102 -21.88 -6.59 -13.44
C GLY B 102 -21.56 -5.16 -13.88
N ALA B 103 -20.96 -4.39 -12.97
CA ALA B 103 -20.54 -3.03 -13.28
C ALA B 103 -19.31 -3.06 -14.20
N LYS B 104 -19.39 -2.35 -15.33
CA LYS B 104 -18.33 -2.38 -16.32
C LYS B 104 -17.63 -1.02 -16.45
N VAL B 105 -16.34 -1.05 -16.16
CA VAL B 105 -15.50 0.12 -16.24
C VAL B 105 -14.54 -0.05 -17.39
N MET B 106 -14.43 0.98 -18.24
CA MET B 106 -13.49 0.96 -19.36
C MET B 106 -12.62 2.22 -19.38
N ALA B 107 -11.32 2.03 -19.58
CA ALA B 107 -10.39 3.13 -19.78
C ALA B 107 -10.08 3.26 -21.27
N THR B 108 -10.06 4.48 -21.79
CA THR B 108 -9.73 4.67 -23.19
C THR B 108 -8.96 5.98 -23.37
N THR B 109 -7.76 5.89 -23.93
CA THR B 109 -6.89 7.02 -24.11
C THR B 109 -6.24 6.94 -25.46
N GLY B 110 -5.41 7.94 -25.78
CA GLY B 110 -4.63 7.89 -27.01
C GLY B 110 -3.64 6.73 -27.00
N GLY B 111 -3.40 6.18 -25.81
CA GLY B 111 -2.44 5.10 -25.63
C GLY B 111 -3.06 3.71 -25.68
N THR B 112 -4.37 3.63 -25.82
CA THR B 112 -5.01 2.33 -26.03
C THR B 112 -5.39 2.23 -27.50
N ASN B 113 -5.40 1.02 -28.04
CA ASN B 113 -5.65 0.82 -29.47
C ASN B 113 -7.09 1.19 -29.82
N LEU B 114 -7.25 2.11 -30.78
CA LEU B 114 -8.58 2.60 -31.12
C LEU B 114 -9.51 1.51 -31.69
N ARG B 115 -8.99 0.70 -32.62
CA ARG B 115 -9.76 -0.41 -33.19
C ARG B 115 -10.30 -1.32 -32.08
N ASP B 116 -9.43 -1.69 -31.14
CA ASP B 116 -9.79 -2.65 -30.11
C ASP B 116 -10.80 -2.05 -29.14
N ASP B 117 -10.63 -0.77 -28.83
CA ASP B 117 -11.56 -0.05 -27.96
C ASP B 117 -12.95 0.07 -28.56
N ILE B 118 -13.01 0.25 -29.88
CA ILE B 118 -14.27 0.28 -30.60
C ILE B 118 -15.00 -1.07 -30.49
N MET B 119 -14.28 -2.16 -30.69
CA MET B 119 -14.83 -3.49 -30.46
C MET B 119 -15.30 -3.67 -29.02
N ARG B 120 -14.50 -3.21 -28.08
CA ARG B 120 -14.86 -3.28 -26.67
C ARG B 120 -16.20 -2.60 -26.37
N LEU B 121 -16.47 -1.48 -27.04
CA LEU B 121 -17.68 -0.72 -26.77
C LEU B 121 -18.93 -1.33 -27.44
N ASP B 122 -18.74 -2.41 -28.19
CA ASP B 122 -19.86 -3.26 -28.61
C ASP B 122 -20.53 -3.91 -27.41
N ASP B 123 -19.77 -4.14 -26.34
CA ASP B 123 -20.31 -4.77 -25.14
C ASP B 123 -20.63 -3.69 -24.10
N THR B 124 -21.39 -4.06 -23.08
CA THR B 124 -21.80 -3.17 -22.00
C THR B 124 -20.64 -2.44 -21.32
N VAL B 125 -20.77 -1.12 -21.24
CA VAL B 125 -19.85 -0.27 -20.51
C VAL B 125 -20.65 0.77 -19.75
N HIS B 126 -20.53 0.80 -18.42
CA HIS B 126 -21.27 1.77 -17.60
C HIS B 126 -20.48 3.04 -17.29
N VAL B 127 -19.17 2.87 -17.20
CA VAL B 127 -18.30 3.94 -16.76
C VAL B 127 -17.09 4.04 -17.69
N VAL B 128 -16.90 5.22 -18.25
CA VAL B 128 -15.76 5.46 -19.12
C VAL B 128 -14.76 6.37 -18.42
N ILE B 129 -13.50 5.95 -18.38
CA ILE B 129 -12.44 6.83 -17.89
C ILE B 129 -11.58 7.11 -19.09
N ALA B 130 -11.30 8.39 -19.34
CA ALA B 130 -10.73 8.78 -20.63
C ALA B 130 -10.01 10.13 -20.65
N THR B 131 -9.07 10.24 -21.59
CA THR B 131 -8.45 11.49 -21.99
C THR B 131 -9.42 12.23 -22.92
N PRO B 132 -9.36 13.58 -22.95
CA PRO B 132 -10.35 14.36 -23.70
C PRO B 132 -10.43 14.01 -25.19
N GLY B 133 -9.29 13.97 -25.85
CA GLY B 133 -9.24 13.73 -27.29
C GLY B 133 -9.87 12.44 -27.73
N ARG B 134 -9.50 11.35 -27.05
CA ARG B 134 -10.01 10.01 -27.40
C ARG B 134 -11.53 9.91 -27.18
N ILE B 135 -12.03 10.35 -26.04
CA ILE B 135 -13.46 10.18 -25.79
C ILE B 135 -14.32 11.04 -26.75
N LEU B 136 -13.88 12.26 -27.07
CA LEU B 136 -14.62 13.09 -28.05
C LEU B 136 -14.65 12.41 -29.41
N ASP B 137 -13.50 11.91 -29.85
CA ASP B 137 -13.40 11.15 -31.09
C ASP B 137 -14.38 9.98 -31.10
N LEU B 138 -14.49 9.28 -29.97
CA LEU B 138 -15.39 8.12 -29.86
C LEU B 138 -16.86 8.52 -29.87
N ILE B 139 -17.18 9.64 -29.21
CA ILE B 139 -18.55 10.18 -29.23
C ILE B 139 -18.96 10.64 -30.63
N LYS B 140 -18.06 11.36 -31.30
CA LYS B 140 -18.33 11.87 -32.64
C LYS B 140 -18.41 10.77 -33.71
N LYS B 141 -17.74 9.64 -33.48
CA LYS B 141 -17.85 8.50 -34.39
C LYS B 141 -19.10 7.67 -34.12
N GLY B 142 -19.87 8.06 -33.11
CA GLY B 142 -21.08 7.31 -32.77
C GLY B 142 -20.81 6.03 -32.00
N VAL B 143 -19.55 5.75 -31.70
CA VAL B 143 -19.17 4.52 -31.00
C VAL B 143 -19.49 4.60 -29.51
N ALA B 144 -19.25 5.77 -28.92
CA ALA B 144 -19.58 6.00 -27.52
C ALA B 144 -20.87 6.81 -27.42
N LYS B 145 -21.96 6.15 -27.03
CA LYS B 145 -23.27 6.80 -26.97
C LYS B 145 -23.52 7.33 -25.58
N VAL B 146 -23.70 8.64 -25.49
CA VAL B 146 -23.65 9.32 -24.20
C VAL B 146 -24.97 9.99 -23.78
N ASP B 147 -26.09 9.57 -24.35
CA ASP B 147 -27.36 10.20 -24.04
C ASP B 147 -27.94 9.76 -22.69
N HIS B 148 -27.28 8.80 -22.04
CA HIS B 148 -27.70 8.39 -20.70
C HIS B 148 -26.71 8.83 -19.63
N VAL B 149 -25.70 9.59 -20.02
CA VAL B 149 -24.70 10.02 -19.06
C VAL B 149 -25.31 11.04 -18.10
N GLN B 150 -25.32 10.70 -16.82
CA GLN B 150 -25.93 11.58 -15.83
C GLN B 150 -24.87 12.20 -14.93
N MET B 151 -23.64 11.73 -15.07
CA MET B 151 -22.55 12.32 -14.28
C MET B 151 -21.26 12.35 -15.08
N ILE B 152 -20.59 13.50 -15.03
CA ILE B 152 -19.24 13.59 -15.57
C ILE B 152 -18.33 14.25 -14.53
N VAL B 153 -17.12 13.72 -14.40
CA VAL B 153 -16.11 14.25 -13.48
C VAL B 153 -14.98 14.83 -14.30
N LEU B 154 -14.53 16.04 -13.94
CA LEU B 154 -13.33 16.59 -14.55
C LEU B 154 -12.23 16.61 -13.52
N ASP B 155 -11.20 15.80 -13.73
CA ASP B 155 -10.11 15.68 -12.76
C ASP B 155 -8.89 16.40 -13.31
N GLU B 156 -8.35 17.32 -12.51
CA GLU B 156 -7.28 18.24 -12.93
C GLU B 156 -7.80 19.10 -14.08
N ALA B 157 -8.89 19.81 -13.81
CA ALA B 157 -9.59 20.61 -14.82
C ALA B 157 -8.72 21.67 -15.48
N ASP B 158 -7.71 22.19 -14.78
CA ASP B 158 -6.83 23.20 -15.39
C ASP B 158 -6.05 22.66 -16.59
N LYS B 159 -5.62 21.40 -16.52
CA LYS B 159 -4.92 20.81 -17.67
C LYS B 159 -5.91 20.43 -18.76
N LEU B 160 -7.13 20.06 -18.37
CA LEU B 160 -8.18 19.76 -19.34
C LEU B 160 -8.58 21.02 -20.11
N LEU B 161 -8.40 22.18 -19.50
CA LEU B 161 -8.92 23.41 -20.06
C LEU B 161 -7.81 24.38 -20.48
N SER B 162 -6.63 23.85 -20.76
CA SER B 162 -5.55 24.63 -21.32
C SER B 162 -5.88 24.96 -22.78
N GLN B 163 -5.04 25.77 -23.41
CA GLN B 163 -5.41 26.43 -24.67
C GLN B 163 -5.74 25.45 -25.77
N ASP B 164 -4.93 24.40 -25.90
CA ASP B 164 -5.14 23.42 -26.96
C ASP B 164 -6.39 22.56 -26.72
N PHE B 165 -6.91 22.56 -25.50
CA PHE B 165 -7.95 21.59 -25.11
C PHE B 165 -9.32 22.17 -24.77
N VAL B 166 -9.42 23.50 -24.64
CA VAL B 166 -10.67 24.10 -24.16
C VAL B 166 -11.87 23.78 -25.06
N GLN B 167 -11.70 23.87 -26.37
CA GLN B 167 -12.76 23.55 -27.33
C GLN B 167 -13.13 22.05 -27.31
N ILE B 168 -12.11 21.20 -27.21
CA ILE B 168 -12.35 19.76 -27.11
C ILE B 168 -13.26 19.47 -25.92
N MET B 169 -12.96 20.04 -24.75
CA MET B 169 -13.81 19.88 -23.56
C MET B 169 -15.21 20.46 -23.76
N GLU B 170 -15.29 21.60 -24.46
CA GLU B 170 -16.58 22.21 -24.73
C GLU B 170 -17.44 21.30 -25.62
N ASP B 171 -16.83 20.77 -26.67
CA ASP B 171 -17.52 19.84 -27.56
C ASP B 171 -18.02 18.62 -26.79
N ILE B 172 -17.19 18.10 -25.90
CA ILE B 172 -17.59 16.92 -25.12
C ILE B 172 -18.85 17.25 -24.33
N ILE B 173 -18.81 18.36 -23.61
CA ILE B 173 -19.92 18.79 -22.75
C ILE B 173 -21.23 19.00 -23.53
N LEU B 174 -21.12 19.49 -24.76
CA LEU B 174 -22.30 19.76 -25.57
C LEU B 174 -23.00 18.49 -26.07
N THR B 175 -22.33 17.34 -26.05
CA THR B 175 -22.98 16.09 -26.46
C THR B 175 -23.78 15.43 -25.34
N LEU B 176 -23.67 15.96 -24.13
CA LEU B 176 -24.24 15.30 -22.94
C LEU B 176 -25.60 15.87 -22.58
N PRO B 177 -26.45 15.08 -21.90
CA PRO B 177 -27.72 15.61 -21.40
C PRO B 177 -27.49 16.90 -20.63
N LYS B 178 -28.32 17.90 -20.89
CA LYS B 178 -28.14 19.25 -20.33
C LYS B 178 -28.18 19.26 -18.81
N ASN B 179 -28.81 18.26 -18.21
CA ASN B 179 -28.95 18.24 -16.76
C ASN B 179 -27.86 17.40 -16.06
N ARG B 180 -26.84 16.98 -16.80
CA ARG B 180 -25.77 16.12 -16.25
C ARG B 180 -25.17 16.74 -14.98
N GLN B 181 -24.90 15.91 -14.00
CA GLN B 181 -24.20 16.39 -12.83
C GLN B 181 -22.73 16.54 -13.22
N ILE B 182 -22.10 17.64 -12.79
CA ILE B 182 -20.69 17.82 -13.06
C ILE B 182 -19.94 17.91 -11.75
N LEU B 183 -18.85 17.15 -11.63
CA LEU B 183 -17.92 17.28 -10.52
C LEU B 183 -16.56 17.71 -11.07
N LEU B 184 -16.12 18.87 -10.59
CA LEU B 184 -14.91 19.49 -11.11
C LEU B 184 -13.85 19.62 -10.01
N TYR B 185 -12.65 19.13 -10.29
CA TYR B 185 -11.52 19.19 -9.35
C TYR B 185 -10.31 19.80 -10.03
N SER B 186 -9.65 20.72 -9.34
CA SER B 186 -8.51 21.39 -9.95
C SER B 186 -7.56 21.93 -8.89
N ALA B 187 -6.27 21.93 -9.20
CA ALA B 187 -5.28 22.55 -8.34
C ALA B 187 -5.26 24.06 -8.54
N THR B 188 -5.44 24.50 -9.78
CA THR B 188 -5.35 25.92 -10.09
C THR B 188 -6.56 26.38 -10.91
N PHE B 189 -6.78 27.70 -10.94
CA PHE B 189 -8.00 28.23 -11.56
C PHE B 189 -7.73 29.41 -12.48
N PRO B 190 -7.11 29.13 -13.64
CA PRO B 190 -6.89 30.13 -14.68
C PRO B 190 -8.23 30.61 -15.23
N LEU B 191 -8.21 31.67 -16.05
CA LEU B 191 -9.43 32.20 -16.66
C LEU B 191 -10.29 31.11 -17.34
N SER B 192 -9.64 30.29 -18.15
CA SER B 192 -10.30 29.21 -18.87
C SER B 192 -11.16 28.33 -17.97
N VAL B 193 -10.62 27.92 -16.83
CA VAL B 193 -11.41 27.14 -15.88
C VAL B 193 -12.54 27.99 -15.30
N GLN B 194 -12.25 29.24 -14.99
CA GLN B 194 -13.28 30.19 -14.54
C GLN B 194 -14.42 30.33 -15.57
N LYS B 195 -14.07 30.48 -16.84
CA LYS B 195 -15.09 30.57 -17.90
C LYS B 195 -15.95 29.31 -17.94
N PHE B 196 -15.29 28.15 -18.01
CA PHE B 196 -15.99 26.87 -18.09
C PHE B 196 -16.94 26.75 -16.92
N MET B 197 -16.44 27.06 -15.73
CA MET B 197 -17.23 27.02 -14.49
C MET B 197 -18.53 27.79 -14.63
N ASN B 198 -18.41 29.07 -14.94
CA ASN B 198 -19.56 29.98 -15.09
C ASN B 198 -20.59 29.47 -16.09
N SER B 199 -20.14 29.04 -17.27
CA SER B 199 -21.06 28.49 -18.28
C SER B 199 -21.80 27.22 -17.83
N HIS B 200 -21.04 26.26 -17.30
CA HIS B 200 -21.59 24.93 -17.18
C HIS B 200 -22.00 24.51 -15.77
N LEU B 201 -21.22 24.86 -14.75
CA LEU B 201 -21.54 24.44 -13.39
C LEU B 201 -22.80 25.15 -12.91
N GLN B 202 -23.63 24.42 -12.17
CA GLN B 202 -24.90 24.97 -11.73
C GLN B 202 -24.95 25.09 -10.22
N LYS B 203 -24.73 26.31 -9.75
CA LYS B 203 -24.66 26.63 -8.32
C LYS B 203 -23.80 25.60 -7.57
N PRO B 204 -22.55 25.42 -7.99
CA PRO B 204 -21.73 24.32 -7.46
C PRO B 204 -21.46 24.43 -5.97
N TYR B 205 -21.41 23.29 -5.28
CA TYR B 205 -20.90 23.27 -3.92
C TYR B 205 -19.40 23.47 -3.99
N GLU B 206 -18.88 24.44 -3.25
CA GLU B 206 -17.47 24.75 -3.31
C GLU B 206 -16.68 24.05 -2.22
N ILE B 207 -15.56 23.44 -2.61
CA ILE B 207 -14.69 22.76 -1.67
C ILE B 207 -13.29 23.32 -1.85
N ASN B 208 -12.69 23.82 -0.77
CA ASN B 208 -11.32 24.24 -0.85
C ASN B 208 -10.52 23.41 0.14
N LEU B 209 -10.04 22.29 -0.35
CA LEU B 209 -9.31 21.34 0.48
C LEU B 209 -7.92 21.13 -0.08
N MET B 210 -7.06 22.10 0.19
CA MET B 210 -5.70 22.07 -0.32
C MET B 210 -4.77 21.50 0.75
N GLU B 211 -4.64 20.18 0.74
CA GLU B 211 -3.62 19.53 1.55
C GLU B 211 -2.26 19.90 1.01
N GLU B 212 -1.38 20.32 1.90
CA GLU B 212 -0.03 20.67 1.49
C GLU B 212 0.93 19.54 1.85
N LEU B 213 2.03 19.46 1.11
CA LEU B 213 3.14 18.64 1.51
C LEU B 213 3.64 19.13 2.86
N THR B 214 3.76 18.23 3.83
CA THR B 214 4.29 18.61 5.13
C THR B 214 5.39 17.66 5.59
N LEU B 215 6.17 18.09 6.57
CA LEU B 215 7.26 17.31 7.11
C LEU B 215 6.83 16.61 8.41
N LYS B 216 5.62 16.92 8.87
CA LYS B 216 5.10 16.37 10.12
C LYS B 216 5.04 14.84 10.06
N GLY B 217 5.61 14.20 11.07
CA GLY B 217 5.62 12.74 11.12
C GLY B 217 6.82 12.15 10.44
N VAL B 218 7.66 13.01 9.85
CA VAL B 218 8.88 12.53 9.23
C VAL B 218 10.05 12.81 10.16
N THR B 219 10.69 11.76 10.62
CA THR B 219 11.88 11.91 11.44
C THR B 219 13.07 12.21 10.54
N GLN B 220 13.77 13.30 10.81
CA GLN B 220 14.84 13.74 9.93
C GLN B 220 16.17 13.77 10.65
N TYR B 221 17.17 13.17 10.01
CA TYR B 221 18.52 13.06 10.56
C TYR B 221 19.55 13.45 9.53
N TYR B 222 20.70 13.93 9.98
CA TYR B 222 21.82 14.10 9.07
C TYR B 222 23.08 13.46 9.65
N ALA B 223 24.02 13.17 8.76
CA ALA B 223 25.30 12.59 9.13
C ALA B 223 26.40 13.38 8.45
N TYR B 224 27.33 13.90 9.24
CA TYR B 224 28.50 14.59 8.69
C TYR B 224 29.38 13.57 8.00
N VAL B 225 29.50 13.69 6.69
CA VAL B 225 30.29 12.74 5.94
C VAL B 225 31.12 13.46 4.87
N THR B 226 32.27 12.92 4.52
CA THR B 226 33.00 13.41 3.36
C THR B 226 32.45 12.71 2.15
N GLU B 227 32.74 13.24 0.98
CA GLU B 227 32.26 12.64 -0.25
C GLU B 227 32.83 11.23 -0.41
N ARG B 228 34.09 11.05 -0.07
CA ARG B 228 34.76 9.76 -0.24
C ARG B 228 34.16 8.67 0.65
N GLN B 229 33.53 9.09 1.75
CA GLN B 229 32.96 8.19 2.74
C GLN B 229 31.50 7.85 2.52
N LYS B 230 30.87 8.47 1.51
CA LYS B 230 29.42 8.41 1.38
C LYS B 230 28.87 6.99 1.21
N VAL B 231 29.53 6.16 0.41
CA VAL B 231 29.06 4.78 0.24
C VAL B 231 29.27 3.96 1.51
N HIS B 232 30.35 4.20 2.23
CA HIS B 232 30.61 3.53 3.51
C HIS B 232 29.50 3.83 4.50
N CYS B 233 29.02 5.07 4.46
CA CYS B 233 27.97 5.52 5.35
C CYS B 233 26.65 4.86 4.97
N LEU B 234 26.42 4.79 3.66
CA LEU B 234 25.29 4.05 3.10
C LEU B 234 25.35 2.56 3.52
N ASN B 235 26.54 1.95 3.46
CA ASN B 235 26.75 0.56 3.92
C ASN B 235 26.30 0.38 5.36
N THR B 236 26.68 1.33 6.20
CA THR B 236 26.31 1.33 7.61
C THR B 236 24.80 1.43 7.78
N LEU B 237 24.18 2.41 7.12
CA LEU B 237 22.73 2.59 7.22
C LEU B 237 21.93 1.34 6.81
N PHE B 238 22.33 0.70 5.72
CA PHE B 238 21.57 -0.43 5.19
C PHE B 238 21.93 -1.73 5.90
N SER B 239 22.80 -1.63 6.90
CA SER B 239 23.12 -2.77 7.74
C SER B 239 22.50 -2.60 9.13
N ARG B 240 21.82 -1.47 9.36
CA ARG B 240 21.25 -1.20 10.67
C ARG B 240 19.73 -0.97 10.65
N LEU B 241 19.25 -0.16 9.71
CA LEU B 241 17.82 0.12 9.61
C LEU B 241 17.01 -1.09 9.16
N GLN B 242 15.70 -1.06 9.43
CA GLN B 242 14.75 -1.93 8.73
C GLN B 242 14.20 -1.18 7.53
N ILE B 243 14.63 -1.60 6.34
CA ILE B 243 14.14 -1.00 5.12
C ILE B 243 13.18 -1.94 4.39
N ASN B 244 11.92 -1.52 4.31
CA ASN B 244 10.95 -2.16 3.44
C ASN B 244 11.35 -1.81 2.00
N GLN B 245 11.10 -0.56 1.60
CA GLN B 245 11.70 0.00 0.40
C GLN B 245 12.24 1.38 0.68
N SER B 246 13.27 1.79 -0.07
CA SER B 246 13.88 3.10 0.09
C SER B 246 14.02 3.83 -1.25
N ILE B 247 14.13 5.15 -1.17
CA ILE B 247 14.47 5.96 -2.33
C ILE B 247 15.74 6.73 -1.99
N ILE B 248 16.73 6.64 -2.87
CA ILE B 248 18.01 7.31 -2.64
C ILE B 248 18.19 8.40 -3.69
N PHE B 249 18.12 9.66 -3.25
CA PHE B 249 18.22 10.81 -4.16
C PHE B 249 19.66 11.29 -4.36
N CYS B 250 20.04 11.48 -5.62
CA CYS B 250 21.32 12.13 -5.95
C CYS B 250 21.06 13.41 -6.76
N ASN B 251 22.09 14.27 -6.85
CA ASN B 251 21.91 15.58 -7.49
C ASN B 251 22.23 15.62 -8.98
N SER B 252 22.67 14.48 -9.53
CA SER B 252 22.89 14.41 -10.98
C SER B 252 22.66 13.00 -11.53
N SER B 253 22.30 12.96 -12.81
CA SER B 253 22.12 11.69 -13.51
C SER B 253 23.40 10.88 -13.47
N GLN B 254 24.52 11.56 -13.67
CA GLN B 254 25.82 10.88 -13.65
C GLN B 254 26.08 10.24 -12.29
N ARG B 255 25.69 10.94 -11.23
CA ARG B 255 25.98 10.43 -9.91
C ARG B 255 25.02 9.27 -9.59
N VAL B 256 23.79 9.33 -10.10
CA VAL B 256 22.80 8.29 -9.92
C VAL B 256 23.31 6.96 -10.48
N GLU B 257 23.72 6.98 -11.75
CA GLU B 257 24.27 5.79 -12.39
C GLU B 257 25.47 5.22 -11.68
N LEU B 258 26.44 6.07 -11.37
CA LEU B 258 27.65 5.60 -10.74
C LEU B 258 27.34 4.96 -9.39
N LEU B 259 26.44 5.57 -8.63
CA LEU B 259 26.11 5.06 -7.31
C LEU B 259 25.39 3.73 -7.42
N ALA B 260 24.39 3.68 -8.31
CA ALA B 260 23.58 2.50 -8.52
C ALA B 260 24.44 1.33 -8.95
N LYS B 261 25.36 1.58 -9.87
CA LYS B 261 26.22 0.54 -10.37
C LYS B 261 27.20 0.10 -9.29
N LYS B 262 27.60 1.04 -8.44
CA LYS B 262 28.51 0.73 -7.35
C LYS B 262 27.85 -0.14 -6.30
N ILE B 263 26.68 0.28 -5.81
CA ILE B 263 26.07 -0.45 -4.70
C ILE B 263 25.50 -1.78 -5.18
N SER B 264 25.19 -1.88 -6.46
CA SER B 264 24.79 -3.16 -7.04
C SER B 264 25.93 -4.16 -6.96
N GLN B 265 27.12 -3.71 -7.37
CA GLN B 265 28.32 -4.53 -7.30
C GLN B 265 28.57 -4.95 -5.85
N LEU B 266 28.09 -4.15 -4.89
CA LEU B 266 28.24 -4.45 -3.48
C LEU B 266 27.11 -5.32 -2.92
N GLY B 267 26.18 -5.73 -3.78
CA GLY B 267 25.11 -6.64 -3.38
C GLY B 267 23.79 -6.03 -2.97
N TYR B 268 23.62 -4.72 -3.18
CA TYR B 268 22.36 -4.05 -2.91
C TYR B 268 21.32 -4.47 -3.95
N SER B 269 20.05 -4.38 -3.57
CA SER B 269 18.95 -4.44 -4.54
C SER B 269 18.51 -3.04 -5.02
N CYS B 270 18.78 -2.72 -6.28
CA CYS B 270 18.37 -1.41 -6.78
C CYS B 270 18.09 -1.34 -8.26
N PHE B 271 17.19 -0.45 -8.60
CA PHE B 271 17.01 0.07 -9.94
C PHE B 271 17.44 1.54 -9.89
N TYR B 272 17.67 2.15 -11.04
CA TYR B 272 17.88 3.59 -11.04
C TYR B 272 17.11 4.27 -12.15
N ILE B 273 16.85 5.55 -11.93
CA ILE B 273 16.10 6.39 -12.84
C ILE B 273 16.69 7.81 -12.81
N HIS B 274 16.95 8.41 -13.98
CA HIS B 274 17.35 9.82 -14.00
C HIS B 274 16.88 10.51 -15.25
N ALA B 275 17.34 11.75 -15.45
CA ALA B 275 16.84 12.61 -16.52
C ALA B 275 17.29 12.15 -17.91
N LYS B 276 18.50 11.60 -18.00
CA LYS B 276 19.06 11.25 -19.30
C LYS B 276 18.69 9.84 -19.76
N MET B 277 17.38 9.58 -19.76
CA MET B 277 16.82 8.30 -20.21
C MET B 277 15.54 8.59 -20.96
N ARG B 278 15.19 7.67 -21.85
CA ARG B 278 13.88 7.69 -22.50
C ARG B 278 12.80 7.61 -21.43
N GLN B 279 11.73 8.37 -21.61
CA GLN B 279 10.60 8.37 -20.67
C GLN B 279 9.95 7.01 -20.49
N GLU B 280 9.79 6.28 -21.59
CA GLU B 280 9.17 4.97 -21.54
C GLU B 280 10.00 4.01 -20.70
N HIS B 281 11.33 4.11 -20.80
CA HIS B 281 12.21 3.31 -19.96
C HIS B 281 12.00 3.69 -18.48
N ARG B 282 12.00 5.00 -18.24
CA ARG B 282 11.75 5.56 -16.91
C ARG B 282 10.46 4.98 -16.29
N ASN B 283 9.37 4.98 -17.04
CA ASN B 283 8.09 4.48 -16.55
C ASN B 283 8.13 2.97 -16.24
N ARG B 284 8.88 2.24 -17.04
CA ARG B 284 8.99 0.81 -16.89
C ARG B 284 9.67 0.49 -15.56
N VAL B 285 10.80 1.14 -15.32
CA VAL B 285 11.59 0.94 -14.12
C VAL B 285 10.80 1.32 -12.88
N PHE B 286 10.12 2.45 -12.94
CA PHE B 286 9.37 2.93 -11.80
C PHE B 286 8.24 1.96 -11.47
N HIS B 287 7.60 1.45 -12.51
CA HIS B 287 6.53 0.46 -12.35
C HIS B 287 7.06 -0.85 -11.70
N ASP B 288 8.28 -1.26 -12.05
CA ASP B 288 8.86 -2.46 -11.45
C ASP B 288 9.24 -2.22 -9.98
N PHE B 289 9.74 -1.02 -9.68
CA PHE B 289 10.04 -0.64 -8.30
C PHE B 289 8.78 -0.67 -7.43
N ARG B 290 7.69 -0.15 -7.97
CA ARG B 290 6.43 -0.08 -7.24
C ARG B 290 5.90 -1.49 -6.95
N ASN B 291 6.14 -2.42 -7.87
CA ASN B 291 5.66 -3.79 -7.70
C ASN B 291 6.63 -4.65 -6.89
N GLY B 292 7.64 -4.01 -6.31
CA GLY B 292 8.53 -4.66 -5.38
C GLY B 292 9.63 -5.52 -5.99
N LEU B 293 9.97 -5.29 -7.25
CA LEU B 293 11.03 -6.06 -7.92
C LEU B 293 12.45 -5.58 -7.59
N CYS B 294 12.58 -4.45 -6.90
CA CYS B 294 13.83 -4.10 -6.25
C CYS B 294 13.48 -3.49 -4.93
N ARG B 295 14.46 -3.31 -4.06
CA ARG B 295 14.19 -2.75 -2.73
C ARG B 295 14.47 -1.25 -2.71
N ASN B 296 15.46 -0.80 -3.47
CA ASN B 296 15.80 0.61 -3.46
C ASN B 296 15.86 1.26 -4.84
N LEU B 297 15.25 2.44 -4.94
CA LEU B 297 15.34 3.25 -6.14
C LEU B 297 16.38 4.35 -5.97
N VAL B 298 17.38 4.37 -6.85
CA VAL B 298 18.30 5.51 -6.92
C VAL B 298 17.82 6.44 -8.01
N CYS B 299 17.71 7.74 -7.71
CA CYS B 299 17.14 8.65 -8.70
C CYS B 299 17.48 10.12 -8.48
N THR B 300 17.18 10.91 -9.52
CA THR B 300 17.25 12.37 -9.44
C THR B 300 15.87 12.85 -9.04
N ASP B 301 15.67 14.16 -9.07
CA ASP B 301 14.38 14.78 -8.76
C ASP B 301 13.45 14.75 -9.98
N LEU B 302 12.50 13.84 -9.98
CA LEU B 302 11.62 13.70 -11.14
C LEU B 302 10.14 13.74 -10.74
N PHE B 303 9.88 13.77 -9.44
CA PHE B 303 8.52 13.60 -8.93
C PHE B 303 7.74 14.91 -8.98
N ASP B 308 4.38 8.64 -2.95
CA ASP B 308 3.12 7.93 -3.14
C ASP B 308 3.27 6.39 -3.27
N ILE B 309 4.39 5.85 -2.80
CA ILE B 309 4.60 4.40 -2.78
C ILE B 309 4.63 3.95 -1.33
N GLN B 310 3.60 3.22 -0.92
CA GLN B 310 3.35 2.97 0.49
C GLN B 310 4.48 2.20 1.18
N ALA B 311 5.14 1.32 0.45
CA ALA B 311 6.19 0.49 1.04
C ALA B 311 7.45 1.27 1.39
N VAL B 312 7.63 2.45 0.79
CA VAL B 312 8.80 3.26 1.05
C VAL B 312 8.74 3.83 2.46
N ASN B 313 9.70 3.45 3.30
CA ASN B 313 9.67 3.89 4.69
C ASN B 313 10.94 4.67 5.04
N VAL B 314 11.89 4.68 4.11
CA VAL B 314 13.15 5.40 4.30
C VAL B 314 13.53 6.16 3.03
N VAL B 315 13.83 7.45 3.19
CA VAL B 315 14.39 8.23 2.09
C VAL B 315 15.80 8.66 2.44
N ILE B 316 16.75 8.38 1.55
CA ILE B 316 18.12 8.83 1.72
C ILE B 316 18.44 9.99 0.77
N ASN B 317 18.88 11.10 1.33
CA ASN B 317 19.43 12.17 0.50
C ASN B 317 20.92 11.98 0.42
N PHE B 318 21.34 11.17 -0.53
CA PHE B 318 22.75 10.83 -0.70
C PHE B 318 23.53 12.12 -1.10
N ASP B 319 22.92 12.93 -1.96
CA ASP B 319 23.36 14.32 -2.16
C ASP B 319 22.29 15.25 -1.57
N PHE B 320 22.71 16.20 -0.73
CA PHE B 320 21.75 17.13 -0.13
C PHE B 320 21.34 18.16 -1.18
N PRO B 321 20.04 18.48 -1.24
CA PRO B 321 19.54 19.37 -2.29
C PRO B 321 19.95 20.85 -2.08
N LYS B 322 19.90 21.65 -3.14
CA LYS B 322 20.23 23.07 -3.03
C LYS B 322 19.03 23.91 -2.58
N LEU B 323 17.83 23.44 -2.91
CA LEU B 323 16.62 24.22 -2.67
C LEU B 323 15.78 23.61 -1.58
N ALA B 324 15.19 24.45 -0.75
CA ALA B 324 14.29 23.97 0.30
C ALA B 324 13.07 23.28 -0.32
N GLU B 325 12.63 23.79 -1.48
CA GLU B 325 11.45 23.19 -2.12
C GLU B 325 11.74 21.79 -2.66
N THR B 326 12.97 21.57 -3.13
CA THR B 326 13.37 20.26 -3.60
C THR B 326 13.35 19.27 -2.42
N TYR B 327 13.90 19.71 -1.29
CA TYR B 327 13.93 18.92 -0.07
C TYR B 327 12.51 18.51 0.34
N LEU B 328 11.60 19.49 0.32
CA LEU B 328 10.21 19.25 0.68
C LEU B 328 9.54 18.22 -0.24
N HIS B 329 9.84 18.28 -1.54
CA HIS B 329 9.25 17.35 -2.49
C HIS B 329 9.81 15.93 -2.32
N ARG B 330 11.08 15.84 -1.91
CA ARG B 330 11.75 14.57 -1.69
C ARG B 330 11.23 13.81 -0.47
N ILE B 331 10.91 14.50 0.62
CA ILE B 331 10.57 13.76 1.84
C ILE B 331 9.22 14.15 2.47
N GLY B 332 8.55 15.13 1.90
CA GLY B 332 7.24 15.52 2.38
C GLY B 332 6.17 14.52 1.98
N ARG B 333 5.05 14.56 2.68
CA ARG B 333 3.92 13.69 2.39
C ARG B 333 2.62 14.49 2.53
N SER B 334 1.55 14.02 1.90
CA SER B 334 0.27 14.75 1.86
C SER B 334 -0.62 14.42 3.07
N GLY B 335 -0.79 13.14 3.35
CA GLY B 335 -1.54 12.75 4.53
C GLY B 335 -2.43 11.55 4.31
N LEU B 340 5.45 9.87 6.01
CA LEU B 340 6.05 8.55 6.13
C LEU B 340 7.03 8.46 7.31
N GLY B 341 8.05 7.61 7.19
CA GLY B 341 8.91 7.29 8.31
C GLY B 341 10.18 8.09 8.50
N LEU B 342 11.22 7.72 7.76
CA LEU B 342 12.57 8.19 8.06
C LEU B 342 13.25 8.90 6.88
N ALA B 343 13.87 10.05 7.15
CA ALA B 343 14.71 10.71 6.16
C ALA B 343 16.13 10.90 6.70
N ILE B 344 17.12 10.51 5.92
CA ILE B 344 18.51 10.62 6.38
C ILE B 344 19.34 11.41 5.37
N ASN B 345 19.99 12.46 5.85
CA ASN B 345 20.74 13.37 4.97
C ASN B 345 22.24 13.19 5.11
N LEU B 346 22.92 12.91 4.00
CA LEU B 346 24.39 12.90 3.99
C LEU B 346 24.93 14.30 3.75
N ILE B 347 25.70 14.81 4.71
CA ILE B 347 26.11 16.23 4.68
C ILE B 347 27.62 16.39 4.62
N THR B 348 28.13 16.84 3.48
CA THR B 348 29.53 17.22 3.42
C THR B 348 29.72 18.64 3.97
N TYR B 349 30.97 19.04 4.14
CA TYR B 349 31.31 20.38 4.60
C TYR B 349 30.59 21.43 3.75
N ASP B 350 30.60 21.22 2.44
CA ASP B 350 30.00 22.18 1.52
C ASP B 350 28.47 22.20 1.54
N ASP B 351 27.85 21.26 2.26
CA ASP B 351 26.40 21.19 2.40
C ASP B 351 25.91 21.89 3.66
N ARG B 352 26.84 22.26 4.52
CA ARG B 352 26.49 22.70 5.86
C ARG B 352 25.63 23.97 5.85
N PHE B 353 25.89 24.88 4.93
CA PHE B 353 25.07 26.08 4.81
C PHE B 353 23.64 25.75 4.38
N ASN B 354 23.49 24.97 3.32
CA ASN B 354 22.17 24.59 2.85
C ASN B 354 21.38 23.82 3.91
N LEU B 355 22.09 23.02 4.71
CA LEU B 355 21.45 22.24 5.76
C LEU B 355 20.71 23.14 6.74
N LYS B 356 21.43 24.10 7.33
CA LYS B 356 20.80 25.04 8.27
C LYS B 356 19.80 25.98 7.58
N SER B 357 20.16 26.41 6.37
CA SER B 357 19.29 27.31 5.59
C SER B 357 17.97 26.64 5.24
N ILE B 358 18.02 25.41 4.71
CA ILE B 358 16.80 24.71 4.33
C ILE B 358 15.96 24.41 5.57
N GLU B 359 16.65 24.07 6.66
CA GLU B 359 16.01 23.82 7.95
C GLU B 359 15.20 25.01 8.37
N GLU B 360 15.82 26.21 8.32
CA GLU B 360 15.11 27.45 8.63
C GLU B 360 13.98 27.76 7.67
N GLN B 361 14.23 27.67 6.36
CA GLN B 361 13.21 28.02 5.38
C GLN B 361 11.94 27.21 5.58
N LEU B 362 12.12 25.93 5.88
CA LEU B 362 10.99 25.03 6.04
C LEU B 362 10.47 24.99 7.48
N GLY B 363 11.14 25.71 8.37
CA GLY B 363 10.72 25.78 9.77
C GLY B 363 10.66 24.40 10.40
N THR B 364 11.70 23.59 10.15
CA THR B 364 11.72 22.21 10.62
C THR B 364 13.00 21.93 11.39
N GLU B 365 13.22 20.67 11.74
CA GLU B 365 14.42 20.27 12.46
C GLU B 365 15.04 19.04 11.84
N ILE B 366 16.33 19.13 11.58
CA ILE B 366 17.06 18.00 11.07
C ILE B 366 18.15 17.70 12.09
N LYS B 367 17.93 16.62 12.86
CA LYS B 367 18.76 16.30 14.00
C LYS B 367 20.00 15.50 13.61
N PRO B 368 21.09 15.66 14.38
CA PRO B 368 22.23 14.76 14.20
C PRO B 368 21.81 13.31 14.39
N ILE B 369 22.32 12.42 13.54
CA ILE B 369 21.96 11.02 13.62
C ILE B 369 22.55 10.41 14.90
N PRO B 370 21.73 9.64 15.63
CA PRO B 370 22.13 8.85 16.81
C PRO B 370 23.28 7.88 16.54
N SER B 371 24.19 7.72 17.50
CA SER B 371 25.34 6.80 17.36
C SER B 371 25.06 5.45 18.01
N GLU C 21 30.53 16.50 -13.70
CA GLU C 21 31.71 16.45 -14.56
C GLU C 21 32.61 15.25 -14.19
N GLU C 22 33.51 15.45 -13.23
CA GLU C 22 34.49 14.43 -12.84
C GLU C 22 33.85 13.19 -12.21
N GLU C 23 34.64 12.14 -12.05
CA GLU C 23 34.17 10.89 -11.44
C GLU C 23 34.33 10.94 -9.92
N PRO C 24 33.23 10.69 -9.19
CA PRO C 24 33.09 10.80 -7.73
C PRO C 24 34.15 10.04 -6.93
N GLU C 25 34.49 10.58 -5.77
CA GLU C 25 35.50 9.99 -4.88
C GLU C 25 35.05 8.63 -4.35
N TRP C 26 33.75 8.46 -4.15
CA TRP C 26 33.20 7.22 -3.60
C TRP C 26 33.05 6.12 -4.64
N PHE C 27 33.18 6.47 -5.91
CA PHE C 27 33.14 5.45 -6.96
C PHE C 27 34.53 4.85 -7.16
N SER C 28 35.53 5.72 -7.32
CA SER C 28 36.92 5.31 -7.50
C SER C 28 37.55 4.82 -6.19
N ALA C 29 37.63 5.73 -5.21
CA ALA C 29 38.18 5.40 -3.89
C ALA C 29 37.08 5.00 -2.91
N GLY C 30 36.22 4.09 -3.33
CA GLY C 30 35.13 3.62 -2.50
C GLY C 30 35.43 2.24 -1.93
N PRO C 31 34.44 1.63 -1.26
CA PRO C 31 34.60 0.30 -0.67
C PRO C 31 34.44 -0.83 -1.67
N THR C 32 35.16 -1.94 -1.46
CA THR C 32 35.03 -3.10 -2.33
C THR C 32 34.24 -4.19 -1.60
N SER C 33 33.57 -3.81 -0.53
CA SER C 33 32.73 -4.73 0.26
C SER C 33 31.68 -3.98 1.10
N GLN C 34 30.49 -4.56 1.22
CA GLN C 34 29.39 -3.95 1.99
C GLN C 34 29.70 -3.86 3.49
N SER C 35 30.57 -4.75 3.97
CA SER C 35 30.89 -4.81 5.40
C SER C 35 31.80 -3.64 5.87
N GLU C 36 32.30 -2.87 4.91
CA GLU C 36 33.10 -1.69 5.23
C GLU C 36 32.22 -0.57 5.79
N THR C 37 32.14 -0.51 7.11
CA THR C 37 31.21 0.33 7.85
C THR C 37 31.89 1.48 8.60
N ILE C 38 31.32 2.70 8.52
CA ILE C 38 31.81 3.81 9.33
C ILE C 38 30.83 4.20 10.44
N GLU C 39 31.32 4.95 11.42
CA GLU C 39 30.47 5.46 12.50
C GLU C 39 29.58 6.61 12.01
N LEU C 40 28.35 6.65 12.52
CA LEU C 40 27.41 7.69 12.15
C LEU C 40 27.33 8.79 13.21
N THR C 41 27.65 10.02 12.80
CA THR C 41 27.54 11.16 13.70
C THR C 41 27.21 12.45 12.96
N GLY C 42 26.48 13.33 13.63
CA GLY C 42 26.23 14.67 13.13
C GLY C 42 27.15 15.66 13.81
N PHE C 43 28.27 15.15 14.33
CA PHE C 43 29.21 15.98 15.09
C PHE C 43 30.57 16.04 14.42
#